data_1H79
#
_entry.id   1H79
#
_cell.length_a   98.099
_cell.length_b   98.099
_cell.length_c   243.039
_cell.angle_alpha   90.00
_cell.angle_beta   90.00
_cell.angle_gamma   90.00
#
_symmetry.space_group_name_H-M   'P 43 21 2'
#
loop_
_entity.id
_entity.type
_entity.pdbx_description
1 polymer 'ANAEROBIC RIBONUCLEOTIDE-TRIPHOSPHATE REDUCTASE LARGE CHAIN'
2 non-polymer "THYMIDINE-5'-TRIPHOSPHATE"
3 non-polymer 'MAGNESIUM ION'
4 non-polymer 'FE (II) ION'
5 water water
#
_entity_poly.entity_id   1
_entity_poly.type   'polypeptide(L)'
_entity_poly.pdbx_seq_one_letter_code
;MTIEKEIEGLIHKTNKDLLNENANKDSRVFPTQRDLMAGIVSKHIAKNMVPSFIMKAHESGIIHVHDIDYSPALPFTNCC
LVDLKGMLENGFKLGNAQIETPKSIGVATAIMAQITAQVASHQYGGTTFANVDKVLSPYVKRTYAKHIEDAEKWQIADAL
NYAQSKTEKDVYDAFQAYEYEVNTLFSSNGQTPFVTITFGTGTDWTERMIQKAILKNRIKGLGRDGITPIFPKLVMFVEE
GVNLYKDDPNYDIKQLALECASKRMYPDIISAKNNKAITGSSVPVSPMGCRSFLSVWKDSTGNEILDGRNNLGVVTLNLP
RIALDSYIGTQFNEQKFVELFNERMDLCFEALMCRISSLKGVKATVAPILYQEGAFGVRLKPDDDIIELFKNGRSSVSLG
YIGIHELNILVGRDIGREILTKMNAHLKQWTERTGFAFSLYSTPAENLCYRFCKLDTEKYGSVKDVTDKGWYTNSFHVSV
EENITPFEKISREAPYHFIATGGHISYVELPDMKNNLKGLEAVWDYAAQHLDYFGVNMPVDKCFTCGSTHEMTPTENGFV
CSICGETDPKKMNTIRRTCAYLGNPNERGFNLGKNKEIMHRVKHQ
;
_entity_poly.pdbx_strand_id   A
#
# COMPACT_ATOMS: atom_id res chain seq x y z
N SER A 27 19.25 -0.01 -12.55
CA SER A 27 19.09 -0.36 -13.99
C SER A 27 19.59 0.76 -14.92
N ARG A 28 20.21 0.37 -16.03
CA ARG A 28 20.76 1.32 -16.99
C ARG A 28 19.72 1.78 -18.00
N VAL A 29 18.46 1.82 -17.59
CA VAL A 29 17.37 2.26 -18.46
C VAL A 29 17.21 3.78 -18.35
N PHE A 30 17.17 4.45 -19.50
CA PHE A 30 17.07 5.91 -19.57
C PHE A 30 16.15 6.57 -18.54
N PRO A 31 14.88 6.17 -18.49
CA PRO A 31 13.98 6.80 -17.51
C PRO A 31 14.50 6.73 -16.07
N THR A 32 15.10 5.61 -15.71
CA THR A 32 15.65 5.45 -14.37
C THR A 32 16.88 6.37 -14.22
N GLN A 33 17.77 6.33 -15.20
CA GLN A 33 18.97 7.17 -15.18
C GLN A 33 18.57 8.63 -14.93
N ARG A 34 17.62 9.12 -15.74
CA ARG A 34 17.14 10.49 -15.63
C ARG A 34 16.61 10.76 -14.23
N ASP A 35 15.85 9.82 -13.70
CA ASP A 35 15.28 10.02 -12.38
C ASP A 35 16.37 10.19 -11.34
N LEU A 36 17.40 9.35 -11.39
CA LEU A 36 18.50 9.42 -10.45
C LEU A 36 19.15 10.79 -10.47
N MET A 37 19.24 11.40 -11.64
CA MET A 37 19.84 12.70 -11.72
C MET A 37 19.03 13.67 -10.89
N ALA A 38 17.72 13.69 -11.10
CA ALA A 38 16.85 14.58 -10.34
C ALA A 38 16.88 14.23 -8.86
N GLY A 39 17.15 12.96 -8.55
CA GLY A 39 17.22 12.56 -7.17
C GLY A 39 18.49 13.07 -6.51
N ILE A 40 19.58 13.05 -7.26
CA ILE A 40 20.85 13.53 -6.76
C ILE A 40 20.80 15.04 -6.51
N VAL A 41 20.14 15.78 -7.40
CA VAL A 41 20.03 17.22 -7.21
C VAL A 41 19.12 17.49 -6.01
N SER A 42 18.09 16.66 -5.88
CA SER A 42 17.16 16.83 -4.77
C SER A 42 17.81 16.51 -3.43
N LYS A 43 18.63 15.46 -3.39
CA LYS A 43 19.32 15.11 -2.16
C LYS A 43 20.20 16.30 -1.79
N HIS A 44 20.96 16.78 -2.76
CA HIS A 44 21.83 17.92 -2.52
C HIS A 44 21.03 19.10 -1.99
N ILE A 45 19.97 19.49 -2.71
CA ILE A 45 19.16 20.60 -2.25
C ILE A 45 18.64 20.36 -0.83
N ALA A 46 18.18 19.14 -0.57
CA ALA A 46 17.64 18.83 0.74
C ALA A 46 18.64 19.23 1.81
N LYS A 47 19.92 19.00 1.51
CA LYS A 47 21.00 19.29 2.44
C LYS A 47 21.13 20.78 2.74
N ASN A 48 20.54 21.62 1.90
CA ASN A 48 20.60 23.07 2.10
C ASN A 48 19.28 23.61 2.59
N MET A 49 18.36 22.73 2.96
CA MET A 49 17.06 23.17 3.45
C MET A 49 16.80 22.59 4.81
N VAL A 50 17.21 21.34 5.00
CA VAL A 50 17.00 20.66 6.26
C VAL A 50 18.05 20.99 7.30
N PRO A 51 17.61 21.37 8.50
CA PRO A 51 18.55 21.70 9.56
C PRO A 51 19.59 20.61 9.78
N SER A 52 20.83 21.05 9.94
CA SER A 52 21.96 20.18 10.15
C SER A 52 21.74 19.04 11.18
N PHE A 53 21.17 19.35 12.35
CA PHE A 53 20.96 18.31 13.34
C PHE A 53 20.01 17.22 12.87
N ILE A 54 19.12 17.54 11.95
CA ILE A 54 18.20 16.54 11.43
C ILE A 54 18.94 15.68 10.41
N MET A 55 19.67 16.31 9.49
CA MET A 55 20.42 15.55 8.49
C MET A 55 21.41 14.61 9.16
N LYS A 56 22.21 15.13 10.08
CA LYS A 56 23.20 14.33 10.77
C LYS A 56 22.55 13.07 11.35
N ALA A 57 21.37 13.25 11.93
CA ALA A 57 20.64 12.15 12.53
C ALA A 57 20.20 11.15 11.48
N HIS A 58 19.76 11.67 10.34
CA HIS A 58 19.30 10.85 9.23
C HIS A 58 20.48 10.14 8.61
N GLU A 59 21.59 10.87 8.52
CA GLU A 59 22.81 10.37 7.93
C GLU A 59 23.45 9.25 8.74
N SER A 60 23.34 9.34 10.06
CA SER A 60 23.93 8.33 10.93
C SER A 60 23.04 7.12 11.24
N GLY A 61 21.77 7.18 10.85
CA GLY A 61 20.89 6.05 11.09
C GLY A 61 20.02 6.09 12.33
N ILE A 62 19.98 7.22 13.00
CA ILE A 62 19.14 7.35 14.20
C ILE A 62 17.69 7.44 13.77
N ILE A 63 17.47 8.13 12.66
CA ILE A 63 16.14 8.29 12.10
C ILE A 63 16.33 8.17 10.61
N HIS A 64 15.23 8.14 9.88
CA HIS A 64 15.31 8.08 8.43
C HIS A 64 14.28 8.98 7.78
N VAL A 65 14.75 10.02 7.10
CA VAL A 65 13.86 10.92 6.40
C VAL A 65 13.60 10.24 5.06
N HIS A 66 12.39 9.72 4.91
CA HIS A 66 11.99 9.04 3.70
C HIS A 66 11.87 9.99 2.52
N ASP A 67 12.03 9.45 1.31
CA ASP A 67 11.90 10.20 0.08
C ASP A 67 12.68 11.51 0.01
N ILE A 68 13.86 11.53 0.62
CA ILE A 68 14.70 12.73 0.62
C ILE A 68 15.14 13.09 -0.81
N ASP A 69 14.90 12.17 -1.74
CA ASP A 69 15.28 12.39 -3.14
C ASP A 69 14.16 13.07 -3.92
N TYR A 70 13.07 13.38 -3.22
CA TYR A 70 11.94 14.06 -3.81
C TYR A 70 11.65 15.30 -2.97
N SER A 71 11.45 15.07 -1.67
CA SER A 71 11.12 16.13 -0.71
C SER A 71 12.27 16.32 0.26
N PRO A 72 12.48 17.56 0.73
CA PRO A 72 11.75 18.79 0.41
C PRO A 72 12.23 19.64 -0.76
N ALA A 73 13.09 19.10 -1.61
CA ALA A 73 13.58 19.88 -2.77
C ALA A 73 12.37 20.44 -3.52
N LEU A 74 11.38 19.61 -3.79
CA LEU A 74 10.15 20.04 -4.45
C LEU A 74 9.00 19.78 -3.45
N PRO A 75 7.94 20.61 -3.47
CA PRO A 75 6.83 20.41 -2.53
C PRO A 75 5.89 19.24 -2.80
N PHE A 76 6.44 18.04 -3.01
CA PHE A 76 5.63 16.85 -3.25
C PHE A 76 4.98 16.38 -1.95
N THR A 77 3.89 15.64 -2.09
CA THR A 77 3.22 15.04 -0.95
C THR A 77 3.50 13.56 -1.12
N ASN A 78 3.00 12.73 -0.22
CA ASN A 78 3.26 11.29 -0.28
C ASN A 78 2.25 10.44 -1.03
N CYS A 79 1.48 9.64 -0.31
CA CYS A 79 0.50 8.76 -0.93
C CYS A 79 -0.90 9.37 -0.82
N CYS A 80 -1.91 8.69 -1.35
CA CYS A 80 -3.26 9.23 -1.30
C CYS A 80 -4.38 8.30 -1.79
N LEU A 81 -5.61 8.71 -1.51
CA LEU A 81 -6.81 8.01 -1.96
C LEU A 81 -7.40 8.96 -3.02
N VAL A 82 -7.39 8.54 -4.27
CA VAL A 82 -7.91 9.40 -5.34
C VAL A 82 -9.45 9.48 -5.34
N ASP A 83 -9.96 10.70 -5.50
CA ASP A 83 -11.40 10.92 -5.51
C ASP A 83 -11.96 10.68 -6.90
N LEU A 84 -11.73 9.48 -7.41
CA LEU A 84 -12.20 9.08 -8.74
C LEU A 84 -13.71 9.25 -8.86
N LYS A 85 -14.41 8.91 -7.78
CA LYS A 85 -15.86 9.01 -7.77
C LYS A 85 -16.27 10.45 -8.08
N GLY A 86 -15.58 11.39 -7.44
CA GLY A 86 -15.89 12.80 -7.66
C GLY A 86 -15.44 13.34 -9.00
N MET A 87 -14.36 12.77 -9.55
CA MET A 87 -13.85 13.21 -10.83
C MET A 87 -14.72 12.77 -11.99
N LEU A 88 -15.18 11.52 -11.96
CA LEU A 88 -16.02 10.99 -13.02
C LEU A 88 -17.44 11.55 -13.01
N GLU A 89 -17.95 11.86 -11.83
CA GLU A 89 -19.32 12.38 -11.75
C GLU A 89 -19.42 13.85 -12.11
N ASN A 90 -18.46 14.64 -11.66
CA ASN A 90 -18.51 16.07 -11.92
C ASN A 90 -17.68 16.60 -13.08
N GLY A 91 -16.81 15.77 -13.62
CA GLY A 91 -15.97 16.22 -14.71
C GLY A 91 -14.73 16.93 -14.16
N PHE A 92 -13.67 16.94 -14.96
CA PHE A 92 -12.43 17.57 -14.54
C PHE A 92 -11.58 17.81 -15.76
N LYS A 93 -10.57 18.67 -15.65
CA LYS A 93 -9.69 18.92 -16.77
C LYS A 93 -8.44 18.01 -16.70
N LEU A 94 -8.04 17.50 -17.86
CA LEU A 94 -6.84 16.68 -17.97
C LEU A 94 -6.15 17.38 -19.14
N GLY A 95 -5.37 18.40 -18.79
CA GLY A 95 -4.70 19.21 -19.78
C GLY A 95 -5.66 20.36 -19.94
N ASN A 96 -6.05 20.64 -21.16
CA ASN A 96 -7.00 21.72 -21.41
C ASN A 96 -8.32 21.06 -21.77
N ALA A 97 -8.28 19.74 -21.90
CA ALA A 97 -9.43 18.95 -22.24
C ALA A 97 -10.36 18.76 -21.05
N GLN A 98 -11.61 19.16 -21.22
CA GLN A 98 -12.62 19.04 -20.19
C GLN A 98 -13.35 17.70 -20.35
N ILE A 99 -12.92 16.70 -19.58
CA ILE A 99 -13.50 15.38 -19.65
C ILE A 99 -14.89 15.33 -19.04
N GLU A 100 -15.75 14.49 -19.60
CA GLU A 100 -17.11 14.36 -19.10
C GLU A 100 -17.35 12.94 -18.59
N THR A 101 -18.41 12.76 -17.81
CA THR A 101 -18.73 11.45 -17.25
C THR A 101 -18.63 10.35 -18.30
N PRO A 102 -17.97 9.23 -17.97
CA PRO A 102 -17.85 8.14 -18.95
C PRO A 102 -19.25 7.68 -19.37
N LYS A 103 -19.36 7.12 -20.56
CA LYS A 103 -20.63 6.62 -21.07
C LYS A 103 -20.60 5.11 -21.18
N SER A 104 -19.52 4.51 -20.68
CA SER A 104 -19.34 3.07 -20.74
C SER A 104 -18.28 2.67 -19.73
N ILE A 105 -18.24 1.39 -19.38
CA ILE A 105 -17.27 0.93 -18.40
C ILE A 105 -15.85 1.00 -18.95
N GLY A 106 -15.68 0.64 -20.21
CA GLY A 106 -14.37 0.67 -20.81
C GLY A 106 -13.69 2.02 -20.74
N VAL A 107 -14.45 3.07 -21.05
CA VAL A 107 -13.93 4.42 -21.01
C VAL A 107 -13.68 4.88 -19.57
N ALA A 108 -14.40 4.30 -18.63
CA ALA A 108 -14.22 4.69 -17.25
C ALA A 108 -12.88 4.18 -16.75
N THR A 109 -12.54 2.94 -17.11
CA THR A 109 -11.26 2.39 -16.68
C THR A 109 -10.14 3.03 -17.46
N ALA A 110 -10.43 3.48 -18.68
CA ALA A 110 -9.41 4.11 -19.50
C ALA A 110 -9.06 5.44 -18.84
N ILE A 111 -10.09 6.13 -18.38
CA ILE A 111 -9.93 7.41 -17.70
C ILE A 111 -9.19 7.17 -16.39
N MET A 112 -9.53 6.07 -15.73
CA MET A 112 -8.90 5.76 -14.46
C MET A 112 -7.40 5.63 -14.68
N ALA A 113 -7.02 4.85 -15.69
CA ALA A 113 -5.62 4.64 -16.03
C ALA A 113 -4.94 5.98 -16.29
N GLN A 114 -5.62 6.83 -17.05
CA GLN A 114 -5.10 8.14 -17.37
C GLN A 114 -4.89 8.99 -16.13
N ILE A 115 -5.79 8.87 -15.17
CA ILE A 115 -5.69 9.62 -13.92
C ILE A 115 -4.53 9.04 -13.12
N THR A 116 -4.40 7.72 -13.15
CA THR A 116 -3.34 7.03 -12.43
C THR A 116 -2.01 7.60 -12.88
N ALA A 117 -1.86 7.81 -14.19
CA ALA A 117 -0.62 8.34 -14.73
C ALA A 117 -0.37 9.75 -14.20
N GLN A 118 -1.41 10.57 -14.13
CA GLN A 118 -1.27 11.93 -13.64
C GLN A 118 -0.83 11.93 -12.17
N VAL A 119 -1.66 11.34 -11.32
CA VAL A 119 -1.38 11.29 -9.90
C VAL A 119 0.02 10.73 -9.68
N ALA A 120 0.34 9.62 -10.31
CA ALA A 120 1.67 9.04 -10.14
C ALA A 120 2.81 10.04 -10.40
N SER A 121 2.61 10.97 -11.33
CA SER A 121 3.64 11.97 -11.65
C SER A 121 3.62 13.20 -10.75
N HIS A 122 2.68 13.29 -9.82
CA HIS A 122 2.64 14.47 -8.99
C HIS A 122 2.79 14.25 -7.49
N GLN A 123 3.18 13.03 -7.13
CA GLN A 123 3.41 12.67 -5.75
C GLN A 123 4.38 11.52 -5.78
N TYR A 124 5.28 11.45 -4.80
CA TYR A 124 6.27 10.38 -4.75
C TYR A 124 5.74 9.09 -4.11
N GLY A 125 4.58 9.17 -3.47
CA GLY A 125 4.02 8.01 -2.82
C GLY A 125 3.07 7.22 -3.70
N GLY A 126 2.62 6.08 -3.20
CA GLY A 126 1.69 5.24 -3.93
C GLY A 126 0.31 5.88 -4.02
N THR A 127 -0.45 5.47 -5.04
CA THR A 127 -1.77 6.03 -5.24
C THR A 127 -2.84 4.93 -5.21
N THR A 128 -3.94 5.17 -4.51
CA THR A 128 -5.00 4.17 -4.40
C THR A 128 -6.38 4.58 -4.93
N PHE A 129 -7.08 3.59 -5.48
CA PHE A 129 -8.43 3.78 -5.98
C PHE A 129 -9.29 2.87 -5.11
N ALA A 130 -9.98 3.47 -4.15
CA ALA A 130 -10.82 2.72 -3.22
C ALA A 130 -12.20 2.37 -3.75
N ASN A 131 -12.58 1.11 -3.51
CA ASN A 131 -13.88 0.60 -3.91
C ASN A 131 -14.19 0.82 -5.38
N VAL A 132 -13.37 0.27 -6.27
CA VAL A 132 -13.63 0.45 -7.68
C VAL A 132 -14.94 -0.22 -8.08
N ASP A 133 -15.35 -1.21 -7.30
CA ASP A 133 -16.60 -1.92 -7.56
C ASP A 133 -17.82 -1.04 -7.32
N LYS A 134 -17.74 -0.14 -6.35
CA LYS A 134 -18.85 0.75 -6.04
C LYS A 134 -18.80 2.03 -6.86
N VAL A 135 -17.60 2.44 -7.23
CA VAL A 135 -17.46 3.67 -7.99
C VAL A 135 -17.70 3.46 -9.48
N LEU A 136 -17.15 2.40 -10.04
CA LEU A 136 -17.33 2.15 -11.45
C LEU A 136 -18.70 1.57 -11.80
N SER A 137 -19.40 1.09 -10.77
CA SER A 137 -20.72 0.48 -10.91
C SER A 137 -21.66 1.19 -11.91
N PRO A 138 -21.87 2.51 -11.75
CA PRO A 138 -22.74 3.26 -12.65
C PRO A 138 -22.47 3.00 -14.13
N TYR A 139 -21.20 2.92 -14.47
CA TYR A 139 -20.79 2.72 -15.86
C TYR A 139 -21.01 1.32 -16.36
N VAL A 140 -21.08 0.35 -15.44
CA VAL A 140 -21.33 -1.02 -15.88
C VAL A 140 -22.80 -1.03 -16.30
N LYS A 141 -23.58 -0.16 -15.66
CA LYS A 141 -25.00 -0.04 -15.96
C LYS A 141 -25.20 0.60 -17.33
N ARG A 142 -24.45 1.66 -17.62
CA ARG A 142 -24.57 2.35 -18.89
C ARG A 142 -24.19 1.42 -20.03
N THR A 143 -23.25 0.52 -19.77
CA THR A 143 -22.84 -0.42 -20.80
C THR A 143 -23.97 -1.38 -21.07
N TYR A 144 -24.68 -1.78 -20.00
CA TYR A 144 -25.80 -2.69 -20.13
C TYR A 144 -26.88 -1.98 -20.92
N ALA A 145 -27.20 -0.77 -20.47
CA ALA A 145 -28.21 0.05 -21.11
C ALA A 145 -28.03 0.03 -22.63
N LYS A 146 -26.83 0.31 -23.08
CA LYS A 146 -26.52 0.34 -24.51
C LYS A 146 -26.76 -0.99 -25.21
N HIS A 147 -26.30 -2.08 -24.60
CA HIS A 147 -26.48 -3.39 -25.20
C HIS A 147 -27.97 -3.76 -25.30
N ILE A 148 -28.78 -3.10 -24.48
CA ILE A 148 -30.21 -3.35 -24.51
C ILE A 148 -30.77 -2.64 -25.75
N GLU A 149 -30.53 -1.33 -25.85
CA GLU A 149 -31.00 -0.57 -26.99
C GLU A 149 -30.56 -1.27 -28.27
N ASP A 150 -29.37 -1.85 -28.23
CA ASP A 150 -28.82 -2.56 -29.37
C ASP A 150 -29.60 -3.84 -29.65
N ALA A 151 -30.31 -4.33 -28.64
CA ALA A 151 -31.13 -5.52 -28.80
C ALA A 151 -32.43 -5.08 -29.47
N GLU A 152 -32.96 -3.96 -29.00
CA GLU A 152 -34.19 -3.38 -29.53
C GLU A 152 -33.84 -2.53 -30.74
N LYS A 153 -32.91 -3.02 -31.56
CA LYS A 153 -32.49 -2.29 -32.76
C LYS A 153 -32.09 -3.23 -33.88
N TRP A 154 -31.59 -4.41 -33.51
CA TRP A 154 -31.21 -5.39 -34.51
C TRP A 154 -32.06 -6.63 -34.26
N GLN A 155 -33.06 -6.46 -33.41
CA GLN A 155 -34.00 -7.52 -33.05
C GLN A 155 -33.27 -8.70 -32.44
N ILE A 156 -32.47 -8.43 -31.41
CA ILE A 156 -31.73 -9.49 -30.76
C ILE A 156 -32.68 -10.50 -30.10
N ALA A 157 -32.32 -11.78 -30.22
CA ALA A 157 -33.11 -12.86 -29.64
C ALA A 157 -33.28 -12.67 -28.14
N ASP A 158 -32.31 -13.15 -27.36
CA ASP A 158 -32.36 -13.03 -25.92
C ASP A 158 -31.88 -11.64 -25.50
N ALA A 159 -32.69 -10.62 -25.78
CA ALA A 159 -32.33 -9.25 -25.42
C ALA A 159 -31.51 -9.21 -24.12
N LEU A 160 -32.06 -9.78 -23.05
CA LEU A 160 -31.39 -9.80 -21.76
C LEU A 160 -30.15 -10.68 -21.72
N ASN A 161 -30.27 -11.93 -22.17
CA ASN A 161 -29.15 -12.85 -22.15
C ASN A 161 -28.03 -12.40 -23.09
N TYR A 162 -28.36 -11.45 -23.96
CA TYR A 162 -27.40 -10.89 -24.90
C TYR A 162 -26.63 -9.80 -24.20
N ALA A 163 -27.35 -8.83 -23.67
CA ALA A 163 -26.72 -7.71 -22.96
C ALA A 163 -25.87 -8.22 -21.80
N GLN A 164 -26.40 -9.17 -21.03
CA GLN A 164 -25.64 -9.71 -19.92
C GLN A 164 -24.32 -10.30 -20.40
N SER A 165 -24.33 -10.86 -21.61
CA SER A 165 -23.13 -11.46 -22.18
C SER A 165 -22.12 -10.37 -22.57
N LYS A 166 -22.52 -9.53 -23.50
CA LYS A 166 -21.67 -8.44 -23.96
C LYS A 166 -21.17 -7.61 -22.78
N THR A 167 -22.09 -7.12 -21.94
CA THR A 167 -21.71 -6.32 -20.78
C THR A 167 -20.66 -7.01 -19.93
N GLU A 168 -20.93 -8.26 -19.59
CA GLU A 168 -20.01 -9.05 -18.79
C GLU A 168 -18.63 -9.07 -19.46
N LYS A 169 -18.60 -9.17 -20.79
CA LYS A 169 -17.33 -9.17 -21.49
C LYS A 169 -16.67 -7.78 -21.44
N ASP A 170 -17.45 -6.75 -21.73
CA ASP A 170 -16.96 -5.39 -21.69
C ASP A 170 -16.20 -5.14 -20.40
N VAL A 171 -16.86 -5.44 -19.28
CA VAL A 171 -16.23 -5.26 -17.97
C VAL A 171 -14.92 -6.03 -17.91
N TYR A 172 -14.89 -7.25 -18.43
CA TYR A 172 -13.66 -8.03 -18.41
C TYR A 172 -12.53 -7.29 -19.13
N ASP A 173 -12.76 -6.93 -20.39
CA ASP A 173 -11.76 -6.23 -21.19
C ASP A 173 -11.28 -4.93 -20.58
N ALA A 174 -12.18 -4.23 -19.90
CA ALA A 174 -11.84 -2.95 -19.28
C ALA A 174 -10.76 -3.10 -18.22
N PHE A 175 -10.89 -4.13 -17.39
CA PHE A 175 -9.93 -4.36 -16.34
C PHE A 175 -8.67 -5.05 -16.85
N GLN A 176 -8.77 -5.65 -18.03
CA GLN A 176 -7.60 -6.30 -18.60
C GLN A 176 -6.80 -5.17 -19.23
N ALA A 177 -7.53 -4.16 -19.70
CA ALA A 177 -6.88 -3.01 -20.29
C ALA A 177 -6.19 -2.23 -19.17
N TYR A 178 -6.87 -2.11 -18.04
CA TYR A 178 -6.29 -1.36 -16.92
C TYR A 178 -4.99 -1.98 -16.48
N GLU A 179 -4.99 -3.31 -16.39
CA GLU A 179 -3.80 -4.00 -15.94
C GLU A 179 -2.59 -3.75 -16.85
N TYR A 180 -2.79 -3.67 -18.16
CA TYR A 180 -1.66 -3.41 -19.05
C TYR A 180 -1.27 -1.93 -19.02
N GLU A 181 -2.22 -1.06 -18.73
CA GLU A 181 -1.92 0.36 -18.65
C GLU A 181 -0.93 0.54 -17.50
N VAL A 182 -1.29 0.02 -16.34
CA VAL A 182 -0.45 0.11 -15.17
C VAL A 182 0.91 -0.54 -15.40
N ASN A 183 0.92 -1.67 -16.10
CA ASN A 183 2.18 -2.36 -16.36
C ASN A 183 3.10 -1.55 -17.26
N THR A 184 2.49 -0.78 -18.16
CA THR A 184 3.24 0.06 -19.07
C THR A 184 3.84 1.25 -18.35
N LEU A 185 3.22 1.67 -17.24
CA LEU A 185 3.74 2.81 -16.49
C LEU A 185 5.09 2.51 -15.86
N PHE A 186 5.79 1.54 -16.45
CA PHE A 186 7.14 1.18 -16.04
C PHE A 186 7.97 1.58 -17.26
N SER A 187 7.77 2.87 -17.58
CA SER A 187 8.39 3.61 -18.66
C SER A 187 8.69 4.93 -17.95
N SER A 188 8.01 5.12 -16.83
CA SER A 188 8.16 6.30 -15.99
C SER A 188 9.42 6.02 -15.18
N ASN A 189 9.45 4.81 -14.60
CA ASN A 189 10.56 4.37 -13.78
C ASN A 189 11.08 5.46 -12.85
N GLY A 190 10.25 6.49 -12.68
CA GLY A 190 10.58 7.57 -11.77
C GLY A 190 10.11 6.99 -10.46
N GLN A 191 10.58 5.76 -10.21
CA GLN A 191 10.25 4.95 -9.03
C GLN A 191 8.88 4.30 -9.22
N THR A 192 8.90 3.10 -9.79
CA THR A 192 7.70 2.28 -10.08
C THR A 192 6.41 2.78 -9.46
N PRO A 193 5.39 3.07 -10.30
CA PRO A 193 4.08 3.56 -9.86
C PRO A 193 3.32 2.52 -9.03
N PHE A 194 3.31 2.73 -7.72
CA PHE A 194 2.61 1.83 -6.82
C PHE A 194 1.13 2.18 -6.88
N VAL A 195 0.35 1.32 -7.50
CA VAL A 195 -1.08 1.55 -7.63
C VAL A 195 -1.83 0.47 -6.85
N THR A 196 -2.83 0.89 -6.10
CA THR A 196 -3.63 -0.04 -5.32
C THR A 196 -5.11 0.13 -5.61
N ILE A 197 -5.79 -1.01 -5.69
CA ILE A 197 -7.20 -1.03 -6.00
C ILE A 197 -7.94 -1.92 -4.99
N THR A 198 -8.99 -1.37 -4.37
CA THR A 198 -9.76 -2.13 -3.38
C THR A 198 -11.20 -2.36 -3.80
N PHE A 199 -11.79 -3.42 -3.25
CA PHE A 199 -13.16 -3.82 -3.54
C PHE A 199 -13.63 -4.86 -2.52
N GLY A 200 -14.88 -5.30 -2.67
CA GLY A 200 -15.41 -6.30 -1.77
C GLY A 200 -16.72 -5.93 -1.09
N THR A 201 -16.85 -4.67 -0.71
CA THR A 201 -18.05 -4.18 -0.02
C THR A 201 -19.24 -3.93 -0.94
N GLY A 202 -19.26 -4.55 -2.11
CA GLY A 202 -20.35 -4.36 -3.06
C GLY A 202 -21.11 -5.66 -3.28
N THR A 203 -22.44 -5.58 -3.24
CA THR A 203 -23.30 -6.77 -3.37
C THR A 203 -24.14 -6.80 -4.67
N ASP A 204 -24.34 -5.64 -5.29
CA ASP A 204 -25.13 -5.54 -6.54
C ASP A 204 -24.49 -6.31 -7.71
N TRP A 205 -25.29 -6.68 -8.71
CA TRP A 205 -24.75 -7.42 -9.86
C TRP A 205 -23.60 -6.68 -10.52
N THR A 206 -23.80 -5.38 -10.76
CA THR A 206 -22.76 -4.56 -11.37
C THR A 206 -21.49 -4.65 -10.53
N GLU A 207 -21.64 -4.36 -9.24
CA GLU A 207 -20.52 -4.37 -8.32
C GLU A 207 -19.87 -5.75 -8.27
N ARG A 208 -20.70 -6.78 -8.34
CA ARG A 208 -20.19 -8.14 -8.31
C ARG A 208 -19.44 -8.42 -9.61
N MET A 209 -19.97 -7.95 -10.73
CA MET A 209 -19.34 -8.19 -12.01
C MET A 209 -17.93 -7.59 -12.02
N ILE A 210 -17.81 -6.38 -11.48
CA ILE A 210 -16.53 -5.68 -11.40
C ILE A 210 -15.52 -6.52 -10.61
N GLN A 211 -15.91 -6.92 -9.40
CA GLN A 211 -15.06 -7.73 -8.54
C GLN A 211 -14.58 -8.98 -9.28
N LYS A 212 -15.51 -9.77 -9.80
CA LYS A 212 -15.15 -10.98 -10.52
C LYS A 212 -14.25 -10.64 -11.70
N ALA A 213 -14.60 -9.59 -12.43
CA ALA A 213 -13.81 -9.17 -13.59
C ALA A 213 -12.37 -8.93 -13.16
N ILE A 214 -12.19 -8.25 -12.02
CA ILE A 214 -10.87 -7.97 -11.52
C ILE A 214 -10.11 -9.25 -11.17
N LEU A 215 -10.74 -10.11 -10.39
CA LEU A 215 -10.14 -11.37 -9.97
C LEU A 215 -9.85 -12.33 -11.14
N LYS A 216 -10.75 -12.39 -12.11
CA LYS A 216 -10.55 -13.28 -13.24
C LYS A 216 -9.36 -12.83 -14.08
N ASN A 217 -9.24 -11.53 -14.28
CA ASN A 217 -8.12 -11.00 -15.06
C ASN A 217 -6.82 -11.32 -14.34
N ARG A 218 -6.83 -11.15 -13.02
CA ARG A 218 -5.63 -11.42 -12.27
C ARG A 218 -5.20 -12.89 -12.35
N ILE A 219 -6.14 -13.81 -12.12
CA ILE A 219 -5.77 -15.23 -12.19
C ILE A 219 -5.12 -15.55 -13.53
N LYS A 220 -5.68 -15.02 -14.61
CA LYS A 220 -5.16 -15.30 -15.95
C LYS A 220 -3.70 -14.92 -16.10
N GLY A 221 -3.34 -13.72 -15.62
CA GLY A 221 -1.96 -13.29 -15.71
C GLY A 221 -1.71 -12.32 -16.83
N LEU A 222 -0.44 -12.00 -17.04
CA LEU A 222 -0.01 -11.06 -18.07
C LEU A 222 0.80 -11.71 -19.17
N GLY A 223 0.46 -11.39 -20.41
CA GLY A 223 1.19 -11.95 -21.55
C GLY A 223 0.85 -13.39 -21.83
N ARG A 224 1.47 -13.96 -22.86
CA ARG A 224 1.20 -15.33 -23.25
C ARG A 224 1.65 -16.36 -22.22
N ASP A 225 2.51 -15.95 -21.29
CA ASP A 225 2.98 -16.88 -20.28
C ASP A 225 2.26 -16.66 -18.96
N GLY A 226 1.16 -15.90 -19.01
CA GLY A 226 0.39 -15.61 -17.82
C GLY A 226 1.23 -15.46 -16.57
N ILE A 227 2.13 -14.49 -16.58
CA ILE A 227 3.01 -14.27 -15.43
C ILE A 227 2.26 -13.45 -14.40
N THR A 228 2.78 -13.46 -13.18
CA THR A 228 2.19 -12.74 -12.06
C THR A 228 2.58 -11.27 -12.02
N PRO A 229 1.58 -10.38 -12.15
CA PRO A 229 1.80 -8.92 -12.13
C PRO A 229 2.17 -8.42 -10.73
N ILE A 230 2.90 -7.32 -10.66
CA ILE A 230 3.32 -6.79 -9.38
C ILE A 230 2.43 -5.62 -8.99
N PHE A 231 1.62 -5.16 -9.94
CA PHE A 231 0.71 -4.06 -9.74
C PHE A 231 -0.40 -4.20 -10.78
N PRO A 232 -1.59 -3.66 -10.48
CA PRO A 232 -1.88 -2.96 -9.24
C PRO A 232 -2.14 -3.92 -8.10
N LYS A 233 -1.80 -3.48 -6.89
CA LYS A 233 -2.00 -4.28 -5.68
C LYS A 233 -3.51 -4.51 -5.54
N LEU A 234 -3.91 -5.67 -5.01
CA LEU A 234 -5.33 -5.97 -4.82
C LEU A 234 -5.67 -6.21 -3.35
N VAL A 235 -6.70 -5.52 -2.89
CA VAL A 235 -7.15 -5.63 -1.50
C VAL A 235 -8.66 -5.77 -1.50
N MET A 236 -9.14 -6.86 -0.90
CA MET A 236 -10.57 -7.12 -0.82
C MET A 236 -11.05 -7.05 0.61
N PHE A 237 -12.18 -6.38 0.82
CA PHE A 237 -12.78 -6.27 2.14
C PHE A 237 -13.68 -7.46 2.42
N VAL A 238 -13.50 -8.10 3.57
CA VAL A 238 -14.35 -9.24 3.93
C VAL A 238 -15.24 -8.81 5.11
N GLU A 239 -16.52 -9.16 5.04
CA GLU A 239 -17.47 -8.79 6.08
C GLU A 239 -18.65 -9.75 6.19
N GLU A 240 -18.99 -10.09 7.42
CA GLU A 240 -20.11 -10.99 7.71
C GLU A 240 -21.37 -10.47 7.03
N GLY A 241 -22.02 -11.34 6.27
CA GLY A 241 -23.22 -10.93 5.58
C GLY A 241 -22.92 -10.33 4.21
N VAL A 242 -21.69 -10.53 3.74
CA VAL A 242 -21.30 -10.01 2.45
C VAL A 242 -20.52 -11.05 1.68
N ASN A 243 -19.46 -11.57 2.30
CA ASN A 243 -18.63 -12.57 1.66
C ASN A 243 -17.78 -13.32 2.66
N LEU A 244 -18.15 -13.24 3.93
CA LEU A 244 -17.38 -13.93 4.95
C LEU A 244 -17.78 -15.40 5.14
N TYR A 245 -19.06 -15.65 5.35
CA TYR A 245 -19.52 -17.02 5.58
C TYR A 245 -20.22 -17.66 4.39
N LYS A 246 -20.06 -18.98 4.31
CA LYS A 246 -20.61 -19.81 3.25
C LYS A 246 -21.95 -19.38 2.66
N ASP A 247 -22.81 -18.75 3.45
CA ASP A 247 -24.13 -18.36 2.95
C ASP A 247 -24.29 -16.86 2.74
N ASP A 248 -23.18 -16.14 2.60
CA ASP A 248 -23.27 -14.70 2.37
C ASP A 248 -23.41 -14.46 0.88
N PRO A 249 -24.12 -13.40 0.49
CA PRO A 249 -24.30 -13.11 -0.93
C PRO A 249 -23.06 -13.27 -1.80
N ASN A 250 -21.95 -12.61 -1.44
CA ASN A 250 -20.74 -12.70 -2.24
C ASN A 250 -19.75 -13.77 -1.79
N TYR A 251 -20.23 -14.86 -1.23
CA TYR A 251 -19.33 -15.92 -0.79
C TYR A 251 -18.62 -16.53 -1.99
N ASP A 252 -19.28 -16.54 -3.14
CA ASP A 252 -18.68 -17.09 -4.33
C ASP A 252 -17.46 -16.25 -4.72
N ILE A 253 -17.52 -14.95 -4.43
CA ILE A 253 -16.42 -14.05 -4.72
C ILE A 253 -15.25 -14.45 -3.83
N LYS A 254 -15.52 -14.59 -2.54
CA LYS A 254 -14.49 -14.96 -1.60
C LYS A 254 -13.73 -16.17 -2.11
N GLN A 255 -14.48 -17.16 -2.60
CA GLN A 255 -13.86 -18.37 -3.11
C GLN A 255 -12.96 -18.04 -4.28
N LEU A 256 -13.46 -17.24 -5.21
CA LEU A 256 -12.67 -16.85 -6.37
C LEU A 256 -11.40 -16.15 -5.86
N ALA A 257 -11.59 -15.26 -4.89
CA ALA A 257 -10.49 -14.53 -4.28
C ALA A 257 -9.43 -15.50 -3.75
N LEU A 258 -9.88 -16.57 -3.10
CA LEU A 258 -8.96 -17.57 -2.56
C LEU A 258 -8.13 -18.17 -3.70
N GLU A 259 -8.80 -18.48 -4.81
CA GLU A 259 -8.13 -19.05 -5.97
C GLU A 259 -7.05 -18.07 -6.42
N CYS A 260 -7.46 -16.81 -6.61
CA CYS A 260 -6.56 -15.76 -7.05
C CYS A 260 -5.35 -15.64 -6.15
N ALA A 261 -5.58 -15.55 -4.85
CA ALA A 261 -4.48 -15.41 -3.91
C ALA A 261 -3.49 -16.55 -4.00
N SER A 262 -3.96 -17.74 -4.36
CA SER A 262 -3.07 -18.89 -4.45
C SER A 262 -2.33 -18.95 -5.79
N LYS A 263 -2.93 -18.33 -6.80
CA LYS A 263 -2.35 -18.30 -8.14
C LYS A 263 -1.49 -17.04 -8.31
N ARG A 264 -2.06 -15.91 -7.93
CA ARG A 264 -1.41 -14.62 -8.10
C ARG A 264 -0.87 -13.90 -6.86
N MET A 265 -1.02 -14.50 -5.69
CA MET A 265 -0.52 -13.88 -4.44
C MET A 265 -1.49 -12.86 -3.83
N TYR A 266 -2.01 -11.97 -4.68
CA TYR A 266 -2.98 -10.99 -4.21
C TYR A 266 -4.31 -11.65 -4.53
N PRO A 267 -5.43 -11.14 -3.99
CA PRO A 267 -5.60 -9.99 -3.12
C PRO A 267 -5.03 -10.18 -1.72
N ASP A 268 -5.15 -9.12 -0.92
CA ASP A 268 -4.77 -9.13 0.48
C ASP A 268 -6.16 -8.88 1.01
N ILE A 269 -6.38 -9.12 2.29
CA ILE A 269 -7.72 -8.90 2.83
C ILE A 269 -7.73 -7.95 4.01
N ILE A 270 -8.86 -7.27 4.16
CA ILE A 270 -9.05 -6.31 5.25
C ILE A 270 -10.35 -6.61 5.99
N SER A 271 -10.24 -6.85 7.29
CA SER A 271 -11.41 -7.12 8.10
C SER A 271 -12.19 -5.82 8.27
N ALA A 272 -13.30 -5.69 7.54
CA ALA A 272 -14.11 -4.48 7.62
C ALA A 272 -14.46 -4.18 9.07
N LYS A 273 -14.71 -5.26 9.82
CA LYS A 273 -15.06 -5.14 11.23
C LYS A 273 -13.99 -4.40 12.04
N ASN A 274 -12.79 -4.96 12.10
CA ASN A 274 -11.71 -4.34 12.86
C ASN A 274 -11.27 -3.01 12.25
N ASN A 275 -11.20 -2.96 10.92
CA ASN A 275 -10.79 -1.76 10.22
C ASN A 275 -11.63 -0.57 10.68
N LYS A 276 -12.94 -0.74 10.68
CA LYS A 276 -13.86 0.32 11.10
C LYS A 276 -13.64 0.72 12.56
N ALA A 277 -13.36 -0.27 13.39
CA ALA A 277 -13.13 -0.03 14.81
C ALA A 277 -11.87 0.79 14.97
N ILE A 278 -10.83 0.42 14.25
CA ILE A 278 -9.56 1.12 14.33
C ILE A 278 -9.61 2.52 13.76
N THR A 279 -10.17 2.67 12.56
CA THR A 279 -10.23 3.96 11.92
C THR A 279 -11.33 4.81 12.51
N GLY A 280 -12.35 4.17 13.04
CA GLY A 280 -13.48 4.89 13.59
C GLY A 280 -14.31 5.41 12.45
N SER A 281 -14.21 4.74 11.32
CA SER A 281 -14.94 5.15 10.13
C SER A 281 -16.16 4.28 9.89
N SER A 282 -17.25 4.91 9.47
CA SER A 282 -18.51 4.23 9.17
C SER A 282 -18.35 3.30 7.97
N VAL A 283 -17.28 3.53 7.21
CA VAL A 283 -16.99 2.74 6.02
C VAL A 283 -15.57 2.19 6.05
N PRO A 284 -15.37 0.98 5.50
CA PRO A 284 -14.05 0.35 5.48
C PRO A 284 -13.07 1.33 4.89
N VAL A 285 -11.91 1.47 5.51
CA VAL A 285 -10.90 2.41 5.05
C VAL A 285 -9.79 1.72 4.27
N SER A 286 -9.74 1.97 2.96
CA SER A 286 -8.72 1.36 2.10
C SER A 286 -7.38 1.99 2.41
N PRO A 287 -6.28 1.26 2.19
CA PRO A 287 -4.97 1.85 2.48
C PRO A 287 -4.43 2.70 1.34
N MET A 288 -3.79 3.81 1.67
CA MET A 288 -3.17 4.67 0.66
C MET A 288 -1.83 4.02 0.34
N GLY A 289 -1.69 3.52 -0.88
CA GLY A 289 -0.46 2.86 -1.25
C GLY A 289 -0.41 1.50 -0.56
N CYS A 290 0.76 1.13 -0.05
CA CYS A 290 0.90 -0.16 0.60
C CYS A 290 0.07 -0.40 1.85
N ARG A 291 0.20 0.46 2.86
CA ARG A 291 -0.54 0.25 4.09
C ARG A 291 -0.77 1.47 4.97
N SER A 292 -0.78 2.65 4.38
CA SER A 292 -1.02 3.87 5.14
C SER A 292 -2.54 3.96 5.36
N PHE A 293 -2.96 4.12 6.60
CA PHE A 293 -4.38 4.22 6.91
C PHE A 293 -4.75 5.56 7.48
N LEU A 294 -5.84 6.13 6.97
CA LEU A 294 -6.32 7.41 7.46
C LEU A 294 -7.20 7.15 8.65
N SER A 295 -7.49 8.19 9.42
CA SER A 295 -8.39 8.04 10.55
C SER A 295 -9.62 8.84 10.15
N VAL A 296 -10.78 8.50 10.69
CA VAL A 296 -12.01 9.20 10.37
C VAL A 296 -11.87 10.71 10.50
N TRP A 297 -12.45 11.43 9.55
CA TRP A 297 -12.40 12.89 9.52
C TRP A 297 -13.67 13.45 8.87
N LYS A 298 -14.05 14.67 9.23
CA LYS A 298 -15.25 15.31 8.68
C LYS A 298 -15.04 16.70 8.14
N ASP A 299 -15.83 17.04 7.13
CA ASP A 299 -15.77 18.33 6.48
C ASP A 299 -16.62 19.32 7.29
N SER A 300 -16.47 20.62 7.03
CA SER A 300 -17.20 21.66 7.74
C SER A 300 -18.69 21.43 7.96
N THR A 301 -19.32 20.55 7.18
CA THR A 301 -20.74 20.32 7.37
C THR A 301 -21.01 18.94 7.90
N GLY A 302 -20.03 18.40 8.62
CA GLY A 302 -20.16 17.10 9.26
C GLY A 302 -20.09 15.81 8.48
N ASN A 303 -19.66 15.85 7.22
CA ASN A 303 -19.58 14.62 6.43
C ASN A 303 -18.26 13.85 6.55
N GLU A 304 -18.35 12.54 6.70
CA GLU A 304 -17.16 11.71 6.78
C GLU A 304 -16.54 11.61 5.39
N ILE A 305 -15.35 12.16 5.24
CA ILE A 305 -14.67 12.13 3.96
C ILE A 305 -13.43 11.25 3.96
N LEU A 306 -13.33 10.40 2.96
CA LEU A 306 -12.21 9.49 2.83
C LEU A 306 -11.47 9.72 1.52
N ASP A 307 -12.13 9.46 0.40
CA ASP A 307 -11.52 9.64 -0.91
C ASP A 307 -11.15 11.10 -1.18
N GLY A 308 -9.89 11.30 -1.57
CA GLY A 308 -9.38 12.63 -1.86
C GLY A 308 -8.35 13.07 -0.84
N ARG A 309 -8.28 12.32 0.26
CA ARG A 309 -7.34 12.63 1.34
C ARG A 309 -5.96 12.01 1.11
N ASN A 310 -4.96 12.54 1.80
CA ASN A 310 -3.60 12.05 1.63
C ASN A 310 -2.72 12.14 2.87
N ASN A 311 -1.48 11.68 2.72
CA ASN A 311 -0.48 11.69 3.78
C ASN A 311 0.61 12.71 3.39
N LEU A 312 1.24 13.34 4.38
CA LEU A 312 2.26 14.35 4.11
C LEU A 312 3.73 13.94 4.14
N GLY A 313 4.03 12.70 4.52
CA GLY A 313 5.42 12.28 4.57
C GLY A 313 5.70 11.24 5.64
N VAL A 314 6.92 10.72 5.65
CA VAL A 314 7.27 9.68 6.61
C VAL A 314 8.67 9.82 7.16
N VAL A 315 8.77 9.80 8.48
CA VAL A 315 10.07 9.86 9.14
C VAL A 315 10.03 8.67 10.09
N THR A 316 10.99 7.76 9.90
CA THR A 316 11.06 6.56 10.72
C THR A 316 12.11 6.59 11.81
N LEU A 317 11.70 6.15 13.00
CA LEU A 317 12.57 6.10 14.16
C LEU A 317 13.25 4.74 14.19
N ASN A 318 14.57 4.75 14.33
CA ASN A 318 15.34 3.51 14.40
C ASN A 318 15.36 3.02 15.86
N LEU A 319 14.42 2.15 16.19
CA LEU A 319 14.27 1.62 17.54
C LEU A 319 15.46 0.81 18.07
N PRO A 320 15.86 -0.26 17.36
CA PRO A 320 17.01 -1.02 17.88
C PRO A 320 18.14 -0.08 18.27
N ARG A 321 18.40 0.89 17.40
CA ARG A 321 19.47 1.83 17.61
C ARG A 321 19.32 2.69 18.86
N ILE A 322 18.09 2.83 19.36
CA ILE A 322 17.89 3.62 20.56
C ILE A 322 18.43 2.78 21.71
N ALA A 323 18.11 1.50 21.66
CA ALA A 323 18.53 0.54 22.67
C ALA A 323 20.06 0.35 22.63
N LEU A 324 20.61 0.24 21.42
CA LEU A 324 22.05 0.06 21.28
C LEU A 324 22.79 1.25 21.88
N ASP A 325 22.29 2.44 21.64
CA ASP A 325 22.93 3.65 22.18
C ASP A 325 22.73 3.76 23.68
N SER A 326 21.85 2.93 24.23
CA SER A 326 21.54 2.94 25.65
C SER A 326 22.41 1.98 26.46
N TYR A 327 23.23 1.20 25.78
CA TYR A 327 24.12 0.27 26.46
C TYR A 327 25.31 0.99 27.06
N ILE A 328 25.82 0.43 28.16
CA ILE A 328 27.01 0.96 28.83
C ILE A 328 27.78 -0.37 28.91
N GLY A 329 28.94 -0.44 28.28
CA GLY A 329 29.66 -1.71 28.30
C GLY A 329 28.77 -2.72 27.58
N THR A 330 28.56 -3.90 28.16
CA THR A 330 27.72 -4.88 27.51
C THR A 330 26.32 -5.00 28.08
N GLN A 331 25.95 -4.07 28.96
CA GLN A 331 24.61 -4.11 29.52
C GLN A 331 23.75 -2.91 29.19
N PHE A 332 22.46 -3.20 29.04
CA PHE A 332 21.45 -2.21 28.73
C PHE A 332 21.24 -1.27 29.92
N ASN A 333 21.06 0.02 29.67
CA ASN A 333 20.81 0.97 30.75
C ASN A 333 19.46 1.67 30.55
N GLU A 334 18.46 1.18 31.26
CA GLU A 334 17.09 1.69 31.21
C GLU A 334 16.99 3.22 31.29
N GLN A 335 17.78 3.83 32.15
CA GLN A 335 17.72 5.28 32.30
C GLN A 335 18.11 5.99 31.01
N LYS A 336 19.25 5.62 30.45
CA LYS A 336 19.71 6.24 29.22
C LYS A 336 18.64 6.08 28.13
N PHE A 337 18.03 4.90 28.09
CA PHE A 337 17.02 4.62 27.08
C PHE A 337 15.90 5.67 27.08
N VAL A 338 15.31 5.93 28.23
CA VAL A 338 14.25 6.91 28.29
C VAL A 338 14.71 8.32 27.90
N GLU A 339 15.97 8.64 28.15
CA GLU A 339 16.45 9.96 27.79
C GLU A 339 16.62 10.06 26.28
N LEU A 340 17.13 9.01 25.65
CA LEU A 340 17.32 9.02 24.21
C LEU A 340 15.99 8.91 23.48
N PHE A 341 15.06 8.16 24.07
CA PHE A 341 13.73 8.00 23.48
C PHE A 341 13.05 9.37 23.43
N ASN A 342 12.91 9.99 24.59
CA ASN A 342 12.28 11.30 24.67
C ASN A 342 13.01 12.27 23.76
N GLU A 343 14.33 12.20 23.77
CA GLU A 343 15.16 13.07 22.96
C GLU A 343 14.89 12.88 21.46
N ARG A 344 14.88 11.63 21.03
CA ARG A 344 14.67 11.33 19.62
C ARG A 344 13.24 11.56 19.17
N MET A 345 12.30 11.40 20.10
CA MET A 345 10.90 11.62 19.76
C MET A 345 10.74 13.06 19.32
N ASP A 346 11.31 13.99 20.08
CA ASP A 346 11.20 15.39 19.72
C ASP A 346 11.92 15.63 18.40
N LEU A 347 13.00 14.90 18.20
CA LEU A 347 13.80 15.00 16.98
C LEU A 347 12.92 14.68 15.77
N CYS A 348 12.20 13.56 15.86
CA CYS A 348 11.33 13.15 14.78
C CYS A 348 10.26 14.20 14.50
N PHE A 349 9.69 14.75 15.56
CA PHE A 349 8.67 15.76 15.40
C PHE A 349 9.28 16.89 14.58
N GLU A 350 10.44 17.34 15.00
CA GLU A 350 11.15 18.41 14.34
C GLU A 350 11.35 18.08 12.85
N ALA A 351 11.74 16.83 12.59
CA ALA A 351 11.98 16.36 11.22
C ALA A 351 10.72 16.43 10.37
N LEU A 352 9.61 15.97 10.92
CA LEU A 352 8.34 15.99 10.20
C LEU A 352 7.84 17.40 9.97
N MET A 353 7.94 18.23 11.01
CA MET A 353 7.50 19.61 10.92
C MET A 353 8.39 20.42 10.01
N CYS A 354 9.55 19.88 9.70
CA CYS A 354 10.48 20.55 8.83
C CYS A 354 10.00 20.50 7.39
N ARG A 355 9.44 19.36 7.00
CA ARG A 355 8.96 19.20 5.64
C ARG A 355 7.55 19.71 5.46
N ILE A 356 6.74 19.66 6.52
CA ILE A 356 5.39 20.15 6.39
C ILE A 356 5.48 21.65 6.15
N SER A 357 6.55 22.27 6.66
CA SER A 357 6.73 23.71 6.50
C SER A 357 7.28 24.12 5.16
N SER A 358 7.91 23.18 4.46
CA SER A 358 8.46 23.51 3.16
C SER A 358 7.29 23.73 2.20
N LEU A 359 6.13 23.21 2.58
CA LEU A 359 4.90 23.33 1.79
C LEU A 359 4.28 24.73 1.95
N LYS A 360 4.62 25.42 3.03
CA LYS A 360 4.10 26.76 3.28
C LYS A 360 4.34 27.63 2.05
N GLY A 361 3.28 28.23 1.50
CA GLY A 361 3.47 29.11 0.35
C GLY A 361 3.35 28.57 -1.05
N VAL A 362 3.48 27.26 -1.26
CA VAL A 362 3.38 26.74 -2.63
C VAL A 362 1.92 26.71 -3.11
N LYS A 363 1.73 27.09 -4.37
CA LYS A 363 0.42 27.17 -5.00
C LYS A 363 -0.09 25.91 -5.66
N ALA A 364 -1.38 25.92 -6.00
CA ALA A 364 -1.99 24.78 -6.65
C ALA A 364 -1.51 24.63 -8.09
N THR A 365 -0.84 25.66 -8.60
CA THR A 365 -0.33 25.63 -9.97
C THR A 365 0.68 24.50 -10.12
N VAL A 366 1.15 24.00 -8.98
CA VAL A 366 2.14 22.95 -8.91
C VAL A 366 1.68 21.56 -9.39
N ALA A 367 0.38 21.28 -9.27
CA ALA A 367 -0.15 19.99 -9.70
C ALA A 367 -1.66 20.07 -9.84
N PRO A 368 -2.13 20.51 -11.01
CA PRO A 368 -3.57 20.62 -11.27
C PRO A 368 -4.48 19.41 -11.02
N ILE A 369 -4.13 18.22 -11.48
CA ILE A 369 -5.07 17.10 -11.23
C ILE A 369 -5.28 16.95 -9.74
N LEU A 370 -4.24 17.18 -8.96
CA LEU A 370 -4.36 17.02 -7.51
C LEU A 370 -5.16 18.08 -6.79
N TYR A 371 -4.81 19.34 -7.00
CA TYR A 371 -5.46 20.43 -6.30
C TYR A 371 -6.57 21.17 -7.03
N GLN A 372 -6.46 21.27 -8.35
CA GLN A 372 -7.45 22.00 -9.11
C GLN A 372 -8.58 21.17 -9.66
N GLU A 373 -8.27 19.97 -10.14
CA GLU A 373 -9.33 19.11 -10.64
C GLU A 373 -9.83 18.26 -9.47
N GLY A 374 -10.33 17.07 -9.71
CA GLY A 374 -10.86 16.29 -8.60
C GLY A 374 -10.01 15.46 -7.66
N ALA A 375 -8.81 15.07 -8.08
CA ALA A 375 -7.93 14.23 -7.31
C ALA A 375 -8.04 14.26 -5.78
N PHE A 376 -7.75 15.40 -5.15
CA PHE A 376 -7.80 15.49 -3.70
C PHE A 376 -9.15 15.88 -3.11
N GLY A 377 -10.21 15.60 -3.85
CA GLY A 377 -11.55 15.89 -3.38
C GLY A 377 -12.03 17.31 -3.22
N VAL A 378 -11.30 18.29 -3.72
CA VAL A 378 -11.73 19.69 -3.63
C VAL A 378 -11.34 20.43 -4.90
N ARG A 379 -11.46 21.75 -4.92
CA ARG A 379 -11.11 22.50 -6.12
C ARG A 379 -10.57 23.86 -5.74
N LEU A 380 -9.24 23.99 -5.81
CA LEU A 380 -8.55 25.22 -5.47
C LEU A 380 -8.33 26.11 -6.66
N LYS A 381 -8.18 27.40 -6.41
CA LYS A 381 -7.90 28.37 -7.48
C LYS A 381 -6.40 28.26 -7.68
N PRO A 382 -5.91 28.43 -8.92
CA PRO A 382 -4.47 28.35 -9.20
C PRO A 382 -3.57 28.98 -8.12
N ASP A 383 -3.91 30.19 -7.69
CA ASP A 383 -3.12 30.89 -6.69
C ASP A 383 -3.47 30.61 -5.23
N ASP A 384 -4.18 29.51 -4.97
CA ASP A 384 -4.52 29.13 -3.60
C ASP A 384 -3.33 28.36 -3.05
N ASP A 385 -3.14 28.40 -1.73
CA ASP A 385 -2.04 27.66 -1.13
C ASP A 385 -2.51 26.23 -0.89
N ILE A 386 -1.65 25.27 -1.21
CA ILE A 386 -2.00 23.87 -1.06
C ILE A 386 -1.97 23.39 0.39
N ILE A 387 -1.21 24.08 1.24
CA ILE A 387 -1.07 23.66 2.63
C ILE A 387 -2.35 23.70 3.46
N GLU A 388 -3.18 24.71 3.18
CA GLU A 388 -4.42 24.86 3.92
C GLU A 388 -5.32 23.65 3.78
N LEU A 389 -5.16 22.91 2.69
CA LEU A 389 -5.98 21.74 2.45
C LEU A 389 -5.67 20.56 3.36
N PHE A 390 -4.45 20.50 3.87
CA PHE A 390 -4.08 19.37 4.71
C PHE A 390 -4.29 19.63 6.19
N LYS A 391 -4.40 20.90 6.56
CA LYS A 391 -4.58 21.25 7.96
C LYS A 391 -5.79 20.63 8.65
N ASN A 392 -5.84 20.84 9.96
CA ASN A 392 -6.94 20.36 10.79
C ASN A 392 -7.35 18.92 10.58
N GLY A 393 -6.38 18.01 10.71
CA GLY A 393 -6.65 16.59 10.59
C GLY A 393 -7.03 15.93 9.27
N ARG A 394 -7.18 16.71 8.19
CA ARG A 394 -7.55 16.10 6.91
C ARG A 394 -6.47 15.14 6.42
N SER A 395 -5.23 15.61 6.36
CA SER A 395 -4.11 14.77 5.93
C SER A 395 -3.46 14.07 7.12
N SER A 396 -2.93 12.87 6.89
CA SER A 396 -2.24 12.16 7.95
C SER A 396 -0.75 12.44 7.76
N VAL A 397 0.01 12.33 8.84
CA VAL A 397 1.46 12.53 8.79
C VAL A 397 2.06 11.32 9.50
N SER A 398 3.04 10.69 8.88
CA SER A 398 3.60 9.48 9.47
C SER A 398 4.89 9.52 10.30
N LEU A 399 4.84 8.85 11.45
CA LEU A 399 5.99 8.69 12.33
C LEU A 399 6.18 7.18 12.33
N GLY A 400 7.19 6.73 11.60
CA GLY A 400 7.43 5.30 11.50
C GLY A 400 8.41 4.73 12.50
N TYR A 401 8.48 3.40 12.54
CA TYR A 401 9.37 2.68 13.44
C TYR A 401 9.71 1.35 12.79
N ILE A 402 10.69 0.64 13.34
CA ILE A 402 11.14 -0.62 12.77
C ILE A 402 11.77 -1.55 13.82
N GLY A 403 11.68 -2.85 13.54
CA GLY A 403 12.28 -3.88 14.38
C GLY A 403 12.08 -3.94 15.88
N ILE A 404 10.83 -4.07 16.31
CA ILE A 404 10.55 -4.18 17.72
C ILE A 404 11.16 -5.49 18.21
N HIS A 405 11.23 -6.46 17.31
CA HIS A 405 11.82 -7.76 17.63
C HIS A 405 13.26 -7.58 18.11
N GLU A 406 14.09 -6.94 17.30
CA GLU A 406 15.47 -6.72 17.68
C GLU A 406 15.52 -5.86 18.96
N LEU A 407 14.55 -4.96 19.09
CA LEU A 407 14.49 -4.09 20.26
C LEU A 407 14.23 -4.92 21.51
N ASN A 408 13.27 -5.83 21.44
CA ASN A 408 12.96 -6.68 22.59
C ASN A 408 14.19 -7.42 23.06
N ILE A 409 14.95 -7.98 22.11
CA ILE A 409 16.17 -8.69 22.45
C ILE A 409 17.11 -7.76 23.20
N LEU A 410 17.37 -6.61 22.61
CA LEU A 410 18.28 -5.65 23.21
C LEU A 410 17.90 -5.17 24.61
N VAL A 411 16.61 -5.04 24.90
CA VAL A 411 16.21 -4.56 26.22
C VAL A 411 15.83 -5.64 27.21
N GLY A 412 15.82 -6.90 26.78
CA GLY A 412 15.49 -7.96 27.70
C GLY A 412 14.07 -8.45 27.67
N ARG A 413 13.12 -7.62 28.07
CA ARG A 413 11.71 -8.02 28.05
C ARG A 413 11.08 -7.69 26.68
N ASP A 414 9.76 -7.73 26.65
CA ASP A 414 8.99 -7.39 25.46
C ASP A 414 8.28 -6.06 25.77
N ILE A 415 8.75 -4.98 25.19
CA ILE A 415 8.15 -3.68 25.42
C ILE A 415 7.43 -3.18 24.16
N GLY A 416 7.19 -4.09 23.21
CA GLY A 416 6.54 -3.73 21.97
C GLY A 416 5.31 -2.84 22.11
N ARG A 417 4.25 -3.41 22.67
CA ARG A 417 3.01 -2.70 22.86
C ARG A 417 3.16 -1.45 23.73
N GLU A 418 3.98 -1.53 24.76
CA GLU A 418 4.15 -0.39 25.65
C GLU A 418 4.82 0.81 25.00
N ILE A 419 5.92 0.59 24.30
CA ILE A 419 6.62 1.72 23.69
C ILE A 419 5.82 2.33 22.53
N LEU A 420 5.10 1.49 21.79
CA LEU A 420 4.29 1.95 20.68
C LEU A 420 3.16 2.83 21.22
N THR A 421 2.75 2.57 22.46
CA THR A 421 1.71 3.35 23.11
C THR A 421 2.28 4.68 23.62
N LYS A 422 3.48 4.63 24.22
CA LYS A 422 4.10 5.86 24.71
C LYS A 422 4.24 6.76 23.48
N MET A 423 4.48 6.13 22.33
CA MET A 423 4.63 6.89 21.10
C MET A 423 3.33 7.56 20.70
N ASN A 424 2.22 6.82 20.70
CA ASN A 424 0.94 7.43 20.33
C ASN A 424 0.69 8.64 21.21
N ALA A 425 1.08 8.55 22.48
CA ALA A 425 0.90 9.65 23.42
C ALA A 425 1.60 10.90 22.93
N HIS A 426 2.85 10.75 22.52
CA HIS A 426 3.62 11.88 22.01
C HIS A 426 2.89 12.44 20.79
N LEU A 427 2.50 11.53 19.90
CA LEU A 427 1.80 11.89 18.68
C LEU A 427 0.54 12.72 18.93
N LYS A 428 -0.23 12.35 19.96
CA LYS A 428 -1.45 13.08 20.27
C LYS A 428 -1.17 14.53 20.62
N GLN A 429 -0.06 14.76 21.31
CA GLN A 429 0.28 16.13 21.68
C GLN A 429 0.71 16.87 20.44
N TRP A 430 1.42 16.18 19.56
CA TRP A 430 1.87 16.81 18.33
C TRP A 430 0.64 17.26 17.57
N THR A 431 -0.35 16.37 17.49
CA THR A 431 -1.59 16.65 16.79
C THR A 431 -2.34 17.82 17.43
N GLU A 432 -2.33 17.88 18.76
CA GLU A 432 -3.02 18.96 19.46
C GLU A 432 -2.26 20.27 19.41
N ARG A 433 -0.96 20.20 19.19
CA ARG A 433 -0.14 21.39 19.13
C ARG A 433 -0.06 21.95 17.73
N THR A 434 -0.34 21.11 16.73
CA THR A 434 -0.22 21.57 15.35
C THR A 434 -1.47 21.48 14.51
N GLY A 435 -2.40 20.62 14.91
CA GLY A 435 -3.62 20.46 14.14
C GLY A 435 -3.39 19.50 12.99
N PHE A 436 -2.20 18.90 12.95
CA PHE A 436 -1.89 17.94 11.91
C PHE A 436 -2.11 16.55 12.49
N ALA A 437 -2.77 15.69 11.74
CA ALA A 437 -3.07 14.34 12.21
C ALA A 437 -1.86 13.42 12.18
N PHE A 438 -1.00 13.50 13.19
CA PHE A 438 0.17 12.63 13.29
C PHE A 438 -0.29 11.21 13.63
N SER A 439 0.36 10.22 13.04
CA SER A 439 -0.04 8.85 13.29
C SER A 439 1.13 7.84 13.33
N LEU A 440 0.93 6.71 13.99
CA LEU A 440 1.96 5.68 14.10
C LEU A 440 1.93 4.77 12.87
N TYR A 441 2.97 4.85 12.05
CA TYR A 441 3.04 4.10 10.81
C TYR A 441 4.08 2.97 10.82
N SER A 442 3.66 1.76 10.47
CA SER A 442 4.57 0.62 10.44
C SER A 442 5.29 0.56 9.09
N THR A 443 6.33 1.39 8.95
CA THR A 443 7.11 1.50 7.72
C THR A 443 7.38 0.20 6.98
N PRO A 444 6.95 0.12 5.71
CA PRO A 444 7.18 -1.08 4.93
C PRO A 444 8.66 -1.44 4.96
N ALA A 445 9.49 -0.41 5.01
CA ALA A 445 10.94 -0.56 5.05
C ALA A 445 11.40 -1.72 4.19
N GLU A 446 11.30 -1.55 2.88
CA GLU A 446 11.70 -2.56 1.90
C GLU A 446 13.22 -2.58 1.84
N ASN A 447 13.82 -1.40 2.03
CA ASN A 447 15.27 -1.24 1.99
C ASN A 447 15.83 -0.83 3.34
N LEU A 448 15.12 0.08 4.00
CA LEU A 448 15.58 0.57 5.28
C LEU A 448 15.93 -0.59 6.21
N CYS A 449 15.25 -1.73 6.03
CA CYS A 449 15.55 -2.89 6.87
C CYS A 449 17.06 -3.18 6.81
N TYR A 450 17.68 -2.82 5.69
CA TYR A 450 19.11 -3.01 5.52
C TYR A 450 19.90 -1.76 5.94
N ARG A 451 19.49 -0.60 5.45
CA ARG A 451 20.18 0.64 5.79
C ARG A 451 20.44 0.80 7.28
N PHE A 452 19.39 0.69 8.10
CA PHE A 452 19.55 0.86 9.53
C PHE A 452 20.57 -0.10 10.11
N CYS A 453 20.46 -1.37 9.74
CA CYS A 453 21.37 -2.40 10.21
C CYS A 453 22.81 -2.11 9.81
N LYS A 454 23.02 -1.71 8.57
CA LYS A 454 24.35 -1.43 8.07
C LYS A 454 25.00 -0.30 8.87
N LEU A 455 24.28 0.80 9.07
CA LEU A 455 24.82 1.92 9.81
C LEU A 455 25.05 1.56 11.27
N ASP A 456 24.09 0.86 11.86
CA ASP A 456 24.23 0.46 13.26
C ASP A 456 25.45 -0.44 13.38
N THR A 457 25.68 -1.27 12.38
CA THR A 457 26.81 -2.18 12.38
C THR A 457 28.15 -1.44 12.27
N GLU A 458 28.15 -0.30 11.59
CA GLU A 458 29.37 0.47 11.46
C GLU A 458 29.82 0.94 12.84
N LYS A 459 28.90 0.96 13.78
CA LYS A 459 29.18 1.45 15.12
C LYS A 459 29.32 0.37 16.18
N TYR A 460 28.60 -0.74 16.02
CA TYR A 460 28.63 -1.81 17.00
C TYR A 460 29.04 -3.13 16.37
N GLY A 461 29.18 -3.13 15.04
CA GLY A 461 29.56 -4.35 14.36
C GLY A 461 28.53 -5.46 14.55
N SER A 462 28.94 -6.70 14.35
CA SER A 462 28.03 -7.82 14.50
C SER A 462 27.54 -7.95 15.94
N VAL A 463 26.21 -7.96 16.10
CA VAL A 463 25.59 -8.09 17.42
C VAL A 463 24.61 -9.25 17.32
N LYS A 464 24.88 -10.31 18.07
CA LYS A 464 24.04 -11.51 18.04
C LYS A 464 22.54 -11.28 18.15
N ASP A 465 21.81 -11.81 17.17
CA ASP A 465 20.36 -11.72 17.09
C ASP A 465 19.83 -10.36 16.61
N VAL A 466 20.62 -9.32 16.80
CA VAL A 466 20.22 -7.97 16.40
C VAL A 466 20.69 -7.58 14.99
N THR A 467 21.99 -7.34 14.82
CA THR A 467 22.52 -6.92 13.52
C THR A 467 23.31 -7.99 12.78
N ASP A 468 23.41 -9.18 13.36
CA ASP A 468 24.16 -10.26 12.72
C ASP A 468 23.61 -10.71 11.38
N LYS A 469 22.30 -10.97 11.31
CA LYS A 469 21.73 -11.44 10.05
C LYS A 469 21.77 -10.37 8.97
N GLY A 470 22.03 -9.12 9.36
CA GLY A 470 22.12 -8.05 8.38
C GLY A 470 20.90 -7.18 8.14
N TRP A 471 19.84 -7.37 8.93
CA TRP A 471 18.62 -6.57 8.75
C TRP A 471 17.75 -6.60 10.00
N TYR A 472 16.84 -5.65 10.11
CA TYR A 472 15.93 -5.60 11.25
C TYR A 472 14.55 -6.05 10.78
N THR A 473 13.83 -6.78 11.63
CA THR A 473 12.51 -7.25 11.25
C THR A 473 11.58 -6.05 11.14
N ASN A 474 10.51 -6.22 10.39
CA ASN A 474 9.55 -5.16 10.17
C ASN A 474 8.63 -4.90 11.36
N SER A 475 8.61 -3.63 11.77
CA SER A 475 7.80 -3.14 12.88
C SER A 475 7.56 -4.13 14.01
N PHE A 476 6.32 -4.58 14.12
CA PHE A 476 5.90 -5.51 15.16
C PHE A 476 5.81 -6.96 14.68
N HIS A 477 6.36 -7.24 13.51
CA HIS A 477 6.31 -8.58 12.94
C HIS A 477 7.18 -9.54 13.73
N VAL A 478 6.69 -10.77 13.92
CA VAL A 478 7.49 -11.76 14.63
C VAL A 478 8.62 -12.15 13.66
N SER A 479 9.84 -12.28 14.19
CA SER A 479 10.99 -12.61 13.35
C SER A 479 10.69 -13.66 12.29
N VAL A 480 11.24 -13.41 11.09
CA VAL A 480 11.05 -14.29 9.94
C VAL A 480 11.67 -15.67 10.16
N GLU A 481 12.42 -15.82 11.25
CA GLU A 481 13.07 -17.08 11.58
C GLU A 481 12.24 -17.91 12.55
N GLU A 482 11.90 -17.33 13.69
CA GLU A 482 11.09 -18.01 14.69
C GLU A 482 10.00 -18.87 14.04
N ASN A 483 9.96 -20.15 14.39
CA ASN A 483 8.99 -21.08 13.83
C ASN A 483 7.71 -21.19 14.66
N ILE A 484 6.63 -20.61 14.17
CA ILE A 484 5.37 -20.68 14.89
C ILE A 484 4.20 -20.90 13.94
N THR A 485 3.18 -21.60 14.42
CA THR A 485 2.00 -21.85 13.61
C THR A 485 1.46 -20.50 13.16
N PRO A 486 0.86 -20.46 11.95
CA PRO A 486 0.29 -19.23 11.41
C PRO A 486 -0.73 -18.57 12.35
N PHE A 487 -1.52 -19.38 13.06
CA PHE A 487 -2.53 -18.84 13.97
C PHE A 487 -1.86 -18.25 15.20
N GLU A 488 -0.71 -18.83 15.56
CA GLU A 488 0.05 -18.37 16.71
C GLU A 488 0.63 -17.01 16.34
N LYS A 489 1.07 -16.91 15.09
CA LYS A 489 1.67 -15.71 14.55
C LYS A 489 0.66 -14.58 14.37
N ILE A 490 -0.45 -14.86 13.68
CA ILE A 490 -1.41 -13.79 13.50
C ILE A 490 -2.06 -13.43 14.82
N SER A 491 -1.85 -14.27 15.83
CA SER A 491 -2.41 -13.98 17.14
C SER A 491 -1.43 -13.14 17.96
N ARG A 492 -0.14 -13.34 17.70
CA ARG A 492 0.90 -12.59 18.41
C ARG A 492 1.00 -11.15 17.89
N GLU A 493 0.77 -10.97 16.59
CA GLU A 493 0.86 -9.64 15.98
C GLU A 493 -0.45 -8.86 16.00
N ALA A 494 -1.58 -9.58 16.01
CA ALA A 494 -2.90 -8.94 16.00
C ALA A 494 -3.06 -7.65 16.83
N PRO A 495 -2.69 -7.68 18.11
CA PRO A 495 -2.86 -6.46 18.91
C PRO A 495 -2.23 -5.19 18.36
N TYR A 496 -1.07 -5.32 17.72
CA TYR A 496 -0.40 -4.14 17.19
C TYR A 496 -1.25 -3.37 16.17
N HIS A 497 -2.11 -4.09 15.45
CA HIS A 497 -2.97 -3.46 14.46
C HIS A 497 -3.83 -2.37 15.09
N PHE A 498 -4.14 -2.51 16.38
CA PHE A 498 -4.96 -1.51 17.06
C PHE A 498 -4.12 -0.42 17.72
N ILE A 499 -2.80 -0.61 17.77
CA ILE A 499 -1.92 0.41 18.38
C ILE A 499 -1.38 1.33 17.28
N ALA A 500 -0.66 0.73 16.32
CA ALA A 500 -0.07 1.46 15.20
C ALA A 500 -1.16 1.71 14.13
N THR A 501 -2.10 2.56 14.50
CA THR A 501 -3.23 2.89 13.64
C THR A 501 -2.86 3.40 12.25
N GLY A 502 -1.85 4.27 12.18
CA GLY A 502 -1.43 4.82 10.90
C GLY A 502 -1.07 3.86 9.79
N GLY A 503 -0.48 2.71 10.13
CA GLY A 503 -0.12 1.75 9.10
C GLY A 503 0.30 0.42 9.68
N HIS A 504 -0.25 -0.66 9.14
CA HIS A 504 0.07 -2.00 9.62
C HIS A 504 -0.39 -3.06 8.64
N ILE A 505 0.19 -4.25 8.77
CA ILE A 505 -0.14 -5.37 7.91
C ILE A 505 0.48 -6.58 8.62
N SER A 506 -0.11 -7.76 8.41
CA SER A 506 0.39 -9.00 9.00
C SER A 506 0.49 -10.07 7.93
N TYR A 507 1.67 -10.65 7.81
CA TYR A 507 1.91 -11.69 6.82
C TYR A 507 2.06 -13.06 7.45
N VAL A 508 1.85 -14.08 6.65
CA VAL A 508 1.99 -15.45 7.11
C VAL A 508 2.55 -16.24 5.92
N GLU A 509 3.46 -17.18 6.20
CA GLU A 509 4.09 -18.00 5.16
C GLU A 509 3.39 -19.34 5.05
N LEU A 510 2.98 -19.72 3.83
CA LEU A 510 2.32 -21.01 3.63
C LEU A 510 2.84 -21.74 2.38
N PRO A 511 2.73 -23.07 2.37
CA PRO A 511 3.19 -23.87 1.23
C PRO A 511 2.17 -23.68 0.12
N ASP A 512 2.36 -24.36 -1.00
CA ASP A 512 1.42 -24.24 -2.10
C ASP A 512 0.04 -24.59 -1.54
N MET A 513 -0.94 -23.73 -1.77
CA MET A 513 -2.28 -23.97 -1.27
C MET A 513 -3.26 -24.02 -2.42
N LYS A 514 -2.73 -23.96 -3.64
CA LYS A 514 -3.60 -23.96 -4.81
C LYS A 514 -4.64 -25.06 -4.78
N ASN A 515 -4.34 -26.17 -4.11
CA ASN A 515 -5.31 -27.24 -4.03
C ASN A 515 -5.96 -27.28 -2.66
N ASN A 516 -5.25 -26.74 -1.67
CA ASN A 516 -5.74 -26.70 -0.30
C ASN A 516 -6.36 -25.33 0.03
N LEU A 517 -7.29 -24.87 -0.80
CA LEU A 517 -7.92 -23.58 -0.59
C LEU A 517 -8.65 -23.46 0.74
N LYS A 518 -9.24 -24.54 1.19
CA LYS A 518 -9.95 -24.52 2.47
C LYS A 518 -8.94 -24.14 3.54
N GLY A 519 -7.72 -24.68 3.41
CA GLY A 519 -6.67 -24.37 4.36
C GLY A 519 -6.40 -22.88 4.39
N LEU A 520 -6.29 -22.29 3.21
CA LEU A 520 -6.04 -20.86 3.10
C LEU A 520 -7.23 -20.13 3.71
N GLU A 521 -8.44 -20.52 3.30
CA GLU A 521 -9.64 -19.88 3.82
C GLU A 521 -9.66 -19.94 5.35
N ALA A 522 -9.00 -20.95 5.90
CA ALA A 522 -8.95 -21.11 7.34
C ALA A 522 -8.18 -19.93 7.92
N VAL A 523 -6.98 -19.67 7.36
CA VAL A 523 -6.13 -18.58 7.83
C VAL A 523 -6.81 -17.21 7.64
N TRP A 524 -7.36 -16.98 6.46
CA TRP A 524 -8.05 -15.72 6.18
C TRP A 524 -9.08 -15.47 7.27
N ASP A 525 -9.94 -16.45 7.49
CA ASP A 525 -11.02 -16.36 8.47
C ASP A 525 -10.53 -15.98 9.88
N TYR A 526 -9.48 -16.65 10.34
CA TYR A 526 -8.91 -16.38 11.66
C TYR A 526 -8.32 -14.98 11.71
N ALA A 527 -7.68 -14.58 10.61
CA ALA A 527 -7.06 -13.26 10.50
C ALA A 527 -8.15 -12.20 10.51
N ALA A 528 -9.10 -12.35 9.59
CA ALA A 528 -10.20 -11.42 9.47
C ALA A 528 -10.82 -11.16 10.83
N GLN A 529 -10.84 -12.19 11.67
CA GLN A 529 -11.42 -12.04 12.98
C GLN A 529 -10.62 -11.17 13.94
N HIS A 530 -9.35 -11.51 14.11
CA HIS A 530 -8.49 -10.80 15.05
C HIS A 530 -7.76 -9.52 14.63
N LEU A 531 -7.33 -9.42 13.39
CA LEU A 531 -6.63 -8.21 12.99
C LEU A 531 -7.25 -7.49 11.80
N ASP A 532 -6.62 -6.38 11.41
CA ASP A 532 -7.10 -5.54 10.33
C ASP A 532 -6.61 -5.89 8.93
N TYR A 533 -5.41 -5.44 8.59
CA TYR A 533 -4.84 -5.66 7.25
C TYR A 533 -4.02 -6.94 7.23
N PHE A 534 -4.50 -7.92 6.48
CA PHE A 534 -3.84 -9.21 6.41
C PHE A 534 -3.51 -9.64 5.01
N GLY A 535 -2.41 -10.36 4.87
CA GLY A 535 -1.98 -10.85 3.58
C GLY A 535 -1.17 -12.10 3.81
N VAL A 536 -1.38 -13.11 2.99
CA VAL A 536 -0.65 -14.36 3.13
C VAL A 536 0.20 -14.61 1.89
N ASN A 537 1.51 -14.66 2.08
CA ASN A 537 2.38 -14.91 0.96
C ASN A 537 2.92 -16.34 0.98
N MET A 538 2.83 -16.98 -0.18
CA MET A 538 3.25 -18.35 -0.41
C MET A 538 4.01 -18.35 -1.73
N PRO A 539 4.51 -19.51 -2.18
CA PRO A 539 5.24 -19.49 -3.46
C PRO A 539 4.35 -19.45 -4.69
N VAL A 540 4.78 -18.71 -5.70
CA VAL A 540 4.03 -18.62 -6.95
C VAL A 540 4.98 -18.65 -8.14
N ASP A 541 5.32 -19.85 -8.58
CA ASP A 541 6.21 -20.04 -9.72
C ASP A 541 5.50 -20.74 -10.85
N LYS A 542 6.04 -20.60 -12.06
CA LYS A 542 5.48 -21.22 -13.25
C LYS A 542 6.63 -21.51 -14.20
N CYS A 543 6.78 -22.77 -14.58
CA CYS A 543 7.84 -23.14 -15.51
C CYS A 543 7.29 -22.92 -16.92
N PHE A 544 7.97 -22.07 -17.69
CA PHE A 544 7.52 -21.79 -19.04
C PHE A 544 7.67 -23.02 -19.95
N THR A 545 8.69 -23.84 -19.71
CA THR A 545 8.91 -25.03 -20.53
C THR A 545 7.97 -26.18 -20.21
N CYS A 546 8.04 -26.70 -18.98
CA CYS A 546 7.18 -27.83 -18.60
C CYS A 546 5.76 -27.42 -18.20
N GLY A 547 5.54 -26.13 -17.96
CA GLY A 547 4.22 -25.65 -17.57
C GLY A 547 3.85 -25.84 -16.11
N SER A 548 4.78 -26.36 -15.31
CA SER A 548 4.53 -26.61 -13.90
C SER A 548 4.34 -25.33 -13.09
N THR A 549 3.45 -25.39 -12.11
CA THR A 549 3.20 -24.24 -11.26
C THR A 549 3.52 -24.63 -9.81
N HIS A 550 4.27 -25.71 -9.66
CA HIS A 550 4.67 -26.18 -8.35
C HIS A 550 5.84 -25.30 -7.91
N GLU A 551 6.17 -25.32 -6.62
CA GLU A 551 7.26 -24.51 -6.13
C GLU A 551 8.59 -24.97 -6.71
N MET A 552 9.37 -24.02 -7.21
CA MET A 552 10.67 -24.31 -7.79
C MET A 552 11.61 -24.76 -6.66
N THR A 553 12.82 -25.17 -7.03
CA THR A 553 13.81 -25.62 -6.05
C THR A 553 14.99 -24.66 -6.01
N PRO A 554 15.31 -24.13 -4.82
CA PRO A 554 16.42 -23.19 -4.60
C PRO A 554 17.83 -23.77 -4.83
N THR A 555 18.65 -23.03 -5.56
CA THR A 555 20.02 -23.46 -5.87
C THR A 555 21.01 -22.33 -5.65
N GLU A 556 22.26 -22.69 -5.36
CA GLU A 556 23.32 -21.71 -5.14
C GLU A 556 23.41 -20.86 -6.41
N ASN A 557 22.87 -21.38 -7.50
CA ASN A 557 22.92 -20.69 -8.78
C ASN A 557 21.55 -20.29 -9.31
N GLY A 558 20.54 -20.31 -8.45
CA GLY A 558 19.21 -19.92 -8.89
C GLY A 558 18.14 -20.98 -8.70
N PHE A 559 17.04 -20.84 -9.44
CA PHE A 559 15.92 -21.78 -9.35
C PHE A 559 16.03 -22.91 -10.39
N VAL A 560 15.51 -24.07 -10.03
CA VAL A 560 15.51 -25.23 -10.93
C VAL A 560 14.15 -25.93 -10.82
N CYS A 561 13.57 -26.29 -11.95
CA CYS A 561 12.27 -26.95 -11.95
C CYS A 561 12.34 -28.41 -11.53
N SER A 562 11.52 -28.78 -10.55
CA SER A 562 11.47 -30.15 -10.05
C SER A 562 11.12 -31.11 -11.17
N ILE A 563 9.95 -30.91 -11.76
CA ILE A 563 9.48 -31.76 -12.83
C ILE A 563 9.77 -31.14 -14.20
N CYS A 564 11.06 -31.00 -14.53
CA CYS A 564 11.48 -30.42 -15.79
C CYS A 564 12.98 -30.12 -15.87
N GLY A 565 13.57 -29.74 -14.74
CA GLY A 565 14.99 -29.45 -14.70
C GLY A 565 15.38 -28.09 -15.24
N GLU A 566 14.42 -27.36 -15.80
CA GLU A 566 14.69 -26.03 -16.34
C GLU A 566 15.48 -25.18 -15.34
N THR A 567 16.45 -24.43 -15.85
CA THR A 567 17.28 -23.57 -15.00
C THR A 567 17.38 -22.15 -15.52
N ASP A 568 17.00 -21.94 -16.78
CA ASP A 568 17.07 -20.60 -17.36
C ASP A 568 16.01 -19.69 -16.74
N PRO A 569 16.45 -18.56 -16.16
CA PRO A 569 15.55 -17.60 -15.53
C PRO A 569 14.56 -17.00 -16.54
N LYS A 570 15.00 -16.87 -17.79
CA LYS A 570 14.16 -16.33 -18.84
C LYS A 570 13.09 -17.34 -19.25
N LYS A 571 13.12 -18.50 -18.60
CA LYS A 571 12.18 -19.59 -18.90
C LYS A 571 11.24 -19.90 -17.73
N MET A 572 10.98 -18.92 -16.88
CA MET A 572 10.12 -19.13 -15.73
C MET A 572 9.70 -17.83 -15.07
N ASN A 573 8.64 -17.88 -14.27
CA ASN A 573 8.15 -16.70 -13.55
C ASN A 573 8.11 -17.04 -12.06
N THR A 574 9.16 -16.68 -11.34
CA THR A 574 9.26 -16.96 -9.91
C THR A 574 9.04 -15.74 -9.02
N ILE A 575 7.85 -15.64 -8.44
CA ILE A 575 7.52 -14.50 -7.59
C ILE A 575 7.49 -14.82 -6.10
N ARG A 576 7.91 -13.85 -5.29
CA ARG A 576 7.94 -13.99 -3.83
C ARG A 576 7.81 -12.63 -3.13
N ARG A 577 7.08 -12.60 -2.03
CA ARG A 577 6.94 -11.35 -1.27
C ARG A 577 7.88 -11.41 -0.08
N THR A 578 9.14 -11.08 -0.33
CA THR A 578 10.17 -11.10 0.70
C THR A 578 9.86 -10.04 1.77
N CYS A 579 9.65 -8.82 1.33
CA CYS A 579 9.34 -7.75 2.25
C CYS A 579 7.95 -7.16 2.03
N ALA A 580 7.87 -6.01 1.38
CA ALA A 580 6.59 -5.35 1.14
C ALA A 580 5.93 -5.65 -0.22
N TYR A 581 6.74 -5.79 -1.27
CA TYR A 581 6.16 -6.07 -2.58
C TYR A 581 6.49 -7.43 -3.14
N LEU A 582 5.88 -7.73 -4.28
CA LEU A 582 6.12 -8.98 -4.96
C LEU A 582 7.37 -8.81 -5.80
N GLY A 583 8.20 -9.84 -5.86
CA GLY A 583 9.41 -9.74 -6.64
C GLY A 583 10.01 -11.07 -7.05
N ASN A 584 10.99 -11.01 -7.93
CA ASN A 584 11.68 -12.21 -8.41
C ASN A 584 13.09 -12.17 -7.82
N PRO A 585 13.38 -13.06 -6.85
CA PRO A 585 14.71 -13.09 -6.23
C PRO A 585 15.86 -13.32 -7.23
#